data_8T9S
#
_entry.id   8T9S
#
_cell.length_a   83.893
_cell.length_b   83.893
_cell.length_c   83.893
_cell.angle_alpha   90.00
_cell.angle_beta   90.00
_cell.angle_gamma   90.00
#
_symmetry.space_group_name_H-M   'I 2 3'
#
loop_
_entity.id
_entity.type
_entity.pdbx_description
1 polymer 'Minor tail protein'
2 non-polymer 'MAGNESIUM ION'
3 water water
#
_entity_poly.entity_id   1
_entity_poly.type   'polypeptide(L)'
_entity_poly.pdbx_seq_one_letter_code
;GSVTAFREALADHVSGRLAFGWMRPERSMTVEAREISGIDVTWSEGDQGTSDYGDEYTHLPELTVTVSLTDGTRVHADPG
WCIENLLRQACGLEVNP
;
_entity_poly.pdbx_strand_id   A
#
loop_
_chem_comp.id
_chem_comp.type
_chem_comp.name
_chem_comp.formula
MG non-polymer 'MAGNESIUM ION' 'Mg 2'
#
# COMPACT_ATOMS: atom_id res chain seq x y z
N GLY A 1 -13.77 8.82 14.50
CA GLY A 1 -14.58 8.62 13.27
C GLY A 1 -13.68 8.32 12.09
N SER A 2 -12.68 9.17 11.87
CA SER A 2 -11.84 9.02 10.68
C SER A 2 -10.96 7.79 10.78
N VAL A 3 -10.45 7.45 11.97
CA VAL A 3 -9.62 6.23 12.08
C VAL A 3 -10.46 4.98 11.88
N THR A 4 -11.66 4.94 12.44
CA THR A 4 -12.56 3.84 12.12
C THR A 4 -12.74 3.69 10.62
N ALA A 5 -13.07 4.79 9.96
CA ALA A 5 -13.37 4.74 8.54
C ALA A 5 -12.16 4.32 7.73
N PHE A 6 -10.99 4.84 8.07
CA PHE A 6 -9.80 4.52 7.29
C PHE A 6 -9.44 3.06 7.45
N ARG A 7 -9.47 2.57 8.69
CA ARG A 7 -9.15 1.18 8.95
C ARG A 7 -10.09 0.26 8.21
N GLU A 8 -11.39 0.56 8.24
CA GLU A 8 -12.36 -0.28 7.54
C GLU A 8 -12.14 -0.21 6.04
N ALA A 9 -11.80 0.98 5.52
CA ALA A 9 -11.56 1.13 4.09
C ALA A 9 -10.33 0.33 3.65
N LEU A 10 -9.24 0.39 4.44
CA LEU A 10 -8.05 -0.37 4.09
C LEU A 10 -8.31 -1.86 4.17
N ALA A 11 -9.05 -2.31 5.18
CA ALA A 11 -9.39 -3.73 5.28
C ALA A 11 -10.23 -4.18 4.08
N ASP A 12 -11.20 -3.37 3.69
CA ASP A 12 -11.98 -3.67 2.50
C ASP A 12 -11.07 -3.76 1.28
N HIS A 13 -10.16 -2.79 1.15
CA HIS A 13 -9.27 -2.71 -0.01
C HIS A 13 -8.41 -3.96 -0.15
N VAL A 14 -7.77 -4.42 0.94
CA VAL A 14 -6.86 -5.56 0.81
C VAL A 14 -7.62 -6.89 0.76
N SER A 15 -8.87 -6.91 1.24
CA SER A 15 -9.70 -8.11 1.10
C SER A 15 -9.80 -8.48 -0.38
N GLY A 16 -9.96 -7.48 -1.23
CA GLY A 16 -10.03 -7.74 -2.65
C GLY A 16 -8.71 -8.18 -3.27
N ARG A 17 -7.60 -8.17 -2.54
CA ARG A 17 -6.29 -8.39 -3.14
C ARG A 17 -5.58 -9.61 -2.60
N LEU A 18 -6.27 -10.41 -1.80
CA LEU A 18 -5.63 -11.51 -1.08
C LEU A 18 -5.35 -12.70 -2.01
N ARG A 27 -7.29 -19.24 5.65
CA ARG A 27 -7.92 -17.98 6.07
C ARG A 27 -8.82 -17.46 4.96
N SER A 28 -9.67 -16.50 5.29
CA SER A 28 -10.65 -16.02 4.33
C SER A 28 -10.07 -14.94 3.43
N MET A 29 -10.70 -14.77 2.26
CA MET A 29 -10.34 -13.66 1.41
C MET A 29 -10.68 -12.32 2.06
N THR A 30 -11.55 -12.31 3.08
CA THR A 30 -12.02 -11.08 3.75
C THR A 30 -11.14 -10.76 4.96
N VAL A 31 -10.64 -9.54 5.01
CA VAL A 31 -9.74 -9.10 6.08
C VAL A 31 -10.50 -8.14 6.99
N GLU A 32 -10.29 -8.26 8.30
CA GLU A 32 -10.87 -7.33 9.25
C GLU A 32 -9.82 -6.37 9.77
N ALA A 33 -10.27 -5.17 10.21
CA ALA A 33 -9.32 -4.13 10.64
C ALA A 33 -8.50 -4.57 11.84
N ARG A 34 -9.11 -5.31 12.77
CA ARG A 34 -8.37 -5.76 13.93
C ARG A 34 -7.20 -6.64 13.54
N GLU A 35 -7.24 -7.22 12.34
CA GLU A 35 -6.13 -8.07 11.90
C GLU A 35 -4.94 -7.25 11.46
N ILE A 36 -5.13 -5.97 11.16
CA ILE A 36 -4.05 -5.15 10.59
C ILE A 36 -3.05 -4.81 11.68
N SER A 37 -1.83 -5.34 11.55
CA SER A 37 -0.80 -5.15 12.56
C SER A 37 0.34 -4.25 12.12
N GLY A 38 0.47 -3.99 10.82
CA GLY A 38 1.54 -3.13 10.37
C GLY A 38 1.34 -2.66 8.94
N ILE A 39 2.05 -1.60 8.62
CA ILE A 39 2.16 -1.11 7.25
C ILE A 39 3.61 -0.77 6.98
N ASP A 40 4.10 -1.18 5.81
CA ASP A 40 5.44 -0.88 5.35
C ASP A 40 5.33 -0.28 3.97
N VAL A 41 6.02 0.85 3.76
CA VAL A 41 6.08 1.52 2.46
C VAL A 41 7.54 1.71 2.10
N THR A 42 7.89 1.31 0.88
CA THR A 42 9.23 1.60 0.37
C THR A 42 9.14 2.43 -0.89
N TRP A 43 10.00 3.45 -0.95
CA TRP A 43 10.25 4.22 -2.18
C TRP A 43 11.64 3.88 -2.65
N SER A 44 11.73 3.30 -3.85
CA SER A 44 13.01 3.01 -4.48
C SER A 44 13.25 4.07 -5.54
N GLU A 45 14.32 4.85 -5.37
CA GLU A 45 14.71 5.87 -6.34
C GLU A 45 15.05 5.21 -7.66
N GLY A 46 14.87 5.94 -8.74
CA GLY A 46 15.36 5.42 -10.00
C GLY A 46 16.88 5.34 -10.02
N ASP A 47 17.41 4.61 -11.00
CA ASP A 47 18.84 4.65 -11.23
C ASP A 47 19.10 4.28 -12.67
N GLN A 48 20.09 4.95 -13.27
CA GLN A 48 20.49 4.67 -14.63
C GLN A 48 22.00 4.68 -14.63
N GLY A 49 22.61 3.73 -15.32
CA GLY A 49 24.06 3.70 -15.37
C GLY A 49 24.55 2.81 -16.48
N THR A 50 25.87 2.70 -16.56
CA THR A 50 26.53 1.83 -17.51
C THR A 50 27.72 1.19 -16.81
N SER A 51 27.87 -0.13 -16.94
CA SER A 51 29.05 -0.78 -16.40
C SER A 51 30.29 -0.35 -17.17
N ASP A 52 31.46 -0.67 -16.61
CA ASP A 52 32.69 -0.34 -17.30
C ASP A 52 32.85 -1.10 -18.60
N TYR A 53 32.02 -2.11 -18.84
CA TYR A 53 32.08 -2.95 -20.03
C TYR A 53 31.00 -2.59 -21.04
N GLY A 54 30.22 -1.56 -20.78
CA GLY A 54 29.26 -1.07 -21.74
C GLY A 54 27.84 -1.57 -21.56
N ASP A 55 27.54 -2.34 -20.53
CA ASP A 55 26.18 -2.80 -20.31
C ASP A 55 25.36 -1.68 -19.65
N GLU A 56 24.32 -1.24 -20.34
CA GLU A 56 23.44 -0.22 -19.79
C GLU A 56 22.42 -0.86 -18.86
N TYR A 57 21.99 -0.12 -17.84
CA TYR A 57 20.92 -0.57 -16.97
C TYR A 57 20.09 0.63 -16.56
N THR A 58 18.79 0.38 -16.37
CA THR A 58 17.80 1.39 -16.00
C THR A 58 16.84 0.74 -15.00
N HIS A 59 16.82 1.24 -13.79
CA HIS A 59 15.92 0.77 -12.76
C HIS A 59 14.87 1.82 -12.54
N LEU A 60 13.62 1.50 -12.85
CA LEU A 60 12.55 2.46 -12.68
C LEU A 60 12.22 2.62 -11.19
N PRO A 61 11.86 3.82 -10.78
CA PRO A 61 11.42 4.01 -9.39
C PRO A 61 10.22 3.11 -9.07
N GLU A 62 10.12 2.71 -7.80
CA GLU A 62 9.05 1.84 -7.36
C GLU A 62 8.50 2.38 -6.04
N LEU A 63 7.17 2.31 -5.90
CA LEU A 63 6.47 2.65 -4.66
C LEU A 63 5.64 1.43 -4.28
N THR A 64 5.88 0.88 -3.10
CA THR A 64 5.24 -0.35 -2.68
C THR A 64 4.69 -0.20 -1.28
N VAL A 65 3.43 -0.58 -1.09
CA VAL A 65 2.76 -0.52 0.19
C VAL A 65 2.38 -1.95 0.59
N THR A 66 2.91 -2.42 1.70
CA THR A 66 2.65 -3.77 2.19
C THR A 66 1.93 -3.72 3.53
N VAL A 67 0.76 -4.36 3.62
CA VAL A 67 -0.03 -4.46 4.85
C VAL A 67 0.22 -5.83 5.47
N SER A 68 0.54 -5.86 6.76
CA SER A 68 0.82 -7.09 7.49
C SER A 68 -0.33 -7.38 8.43
N LEU A 69 -0.74 -8.64 8.48
CA LEU A 69 -1.83 -9.09 9.33
C LEU A 69 -1.29 -9.94 10.48
N THR A 70 -2.09 -10.05 11.53
CA THR A 70 -1.64 -10.71 12.76
C THR A 70 -1.30 -12.16 12.51
N ASP A 71 -1.89 -12.78 11.51
CA ASP A 71 -1.60 -14.18 11.19
C ASP A 71 -0.39 -14.33 10.27
N GLY A 72 0.36 -13.27 10.05
CA GLY A 72 1.50 -13.33 9.18
C GLY A 72 1.21 -13.04 7.73
N THR A 73 -0.06 -13.00 7.34
CA THR A 73 -0.41 -12.63 5.98
C THR A 73 0.15 -11.26 5.65
N ARG A 74 0.76 -11.15 4.47
CA ARG A 74 1.22 -9.88 3.92
C ARG A 74 0.50 -9.71 2.59
N VAL A 75 -0.01 -8.50 2.34
CA VAL A 75 -0.79 -8.20 1.13
C VAL A 75 -0.43 -6.79 0.67
N HIS A 76 -0.20 -6.64 -0.63
CA HIS A 76 0.10 -5.32 -1.18
C HIS A 76 -1.18 -4.49 -1.33
N ALA A 77 -1.10 -3.22 -0.96
CA ALA A 77 -2.16 -2.25 -1.24
C ALA A 77 -1.75 -1.37 -2.41
N ASP A 78 -2.72 -0.81 -3.07
CA ASP A 78 -2.45 0.09 -4.19
C ASP A 78 -1.98 1.45 -3.66
N PRO A 79 -0.81 1.93 -4.06
CA PRO A 79 -0.32 3.20 -3.51
C PRO A 79 -1.21 4.36 -3.85
N GLY A 80 -1.84 4.32 -5.02
CA GLY A 80 -2.74 5.39 -5.40
C GLY A 80 -3.97 5.45 -4.52
N TRP A 81 -4.58 4.30 -4.26
CA TRP A 81 -5.71 4.23 -3.33
C TRP A 81 -5.30 4.80 -1.96
N CYS A 82 -4.12 4.45 -1.50
CA CYS A 82 -3.69 4.90 -0.18
C CYS A 82 -3.59 6.41 -0.14
N ILE A 83 -2.91 7.01 -1.14
CA ILE A 83 -2.73 8.45 -1.15
C ILE A 83 -4.07 9.13 -1.36
N GLU A 84 -4.90 8.56 -2.21
CA GLU A 84 -6.21 9.14 -2.43
C GLU A 84 -6.98 9.26 -1.14
N ASN A 85 -6.98 8.18 -0.35
CA ASN A 85 -7.80 8.19 0.85
C ASN A 85 -7.22 9.02 1.97
N LEU A 86 -5.90 9.17 2.03
CA LEU A 86 -5.33 10.18 2.92
C LEU A 86 -5.83 11.58 2.56
N LEU A 87 -5.82 11.91 1.26
CA LEU A 87 -6.27 13.24 0.81
C LEU A 87 -7.75 13.41 1.04
N ARG A 88 -8.54 12.37 0.77
CA ARG A 88 -9.98 12.48 1.02
C ARG A 88 -10.25 12.82 2.49
N GLN A 89 -9.62 12.09 3.42
CA GLN A 89 -9.82 12.37 4.82
C GLN A 89 -9.35 13.77 5.18
N ALA A 90 -8.22 14.20 4.62
CA ALA A 90 -7.74 15.53 4.91
C ALA A 90 -8.72 16.59 4.45
N CYS A 91 -9.56 16.28 3.46
CA CYS A 91 -10.52 17.25 2.92
C CYS A 91 -11.92 17.07 3.46
N GLY A 92 -12.12 16.16 4.41
CA GLY A 92 -13.46 15.88 4.91
C GLY A 92 -14.37 15.18 3.94
N LEU A 93 -13.82 14.48 2.95
CA LEU A 93 -14.60 13.74 1.97
C LEU A 93 -14.76 12.29 2.37
N GLU A 94 -15.72 11.61 1.74
CA GLU A 94 -15.93 10.18 2.01
C GLU A 94 -14.71 9.38 1.58
N VAL A 95 -14.33 8.38 2.41
CA VAL A 95 -13.23 7.51 2.02
C VAL A 95 -13.76 6.37 1.19
N ASN A 96 -12.94 5.90 0.23
CA ASN A 96 -13.15 4.65 -0.51
C ASN A 96 -14.58 4.56 -1.02
N PRO A 97 -15.07 5.59 -1.75
CA PRO A 97 -16.45 5.62 -2.27
C PRO A 97 -16.76 4.52 -3.30
MG MG B . 11.32 -4.32 -9.53
#